data_5EGC
#
_entry.id   5EGC
#
_cell.length_a   455.627
_cell.length_b   261.749
_cell.length_c   450.980
_cell.angle_alpha   90.000
_cell.angle_beta   111.060
_cell.angle_gamma   90.000
#
_symmetry.space_group_name_H-M   'C 1 2 1'
#
loop_
_entity.id
_entity.type
_entity.pdbx_description
1 polymer 'Capsid protein'
2 non-polymer 'N-acetyl-alpha-neuraminic acid'
3 non-polymer 'MAGNESIUM ION'
4 water water
#
_entity_poly.entity_id   1
_entity_poly.type   'polypeptide(L)'
_entity_poly.pdbx_seq_one_letter_code
;GADGVGNASGNWHCDSTWLGDRVITTSTRTWALPTYNNHLYKQISSASTGASNDNHYFGYSTPWGYFDFNRFHCHFSPRD
WQRLINNNWGFRPKRLNFKLFNIQVKEVTTNDGVTTIANNLTSTVQVFSDSEYQLPYVLGSAHQGCLPPFPADVFMIPQY
GYLTLNNGSQAVGRSSFYCLEYFPSQMLRTGNNFTFSYTFEEVPFHSSYAHSQSLDRLMNPLIDQYLYYLNRTQNQSGSA
QNKDLLFSRGSPAGMSVQPKNWLPGPCYRQQRVSKTKTDNNNSNFTWTGASKYNLNGRESIINPGTAMASHKDDEDKFFP
MSGVMIFGKESAGASNTALDNVMITDEEEIKATNPVATERFGTVAVNFQSSSTDPATGDVHAMGALPGMVWQDRDVYLQG
PIWAKIPHTDGHFHPSPLMGGFGLKNPPPQILIKNTPVPANPPAEFSATKFASFITQYSTGQVSVEIEWELQKENSKRWN
PEVQYTSNYAKSANVDFTVDNNGLYTEPRPIGTRYLTRPL
;
_entity_poly.pdbx_strand_id   A
#
# COMPACT_ATOMS: atom_id res chain seq x y z
N GLY A 1 3.69 -33.92 -0.88
CA GLY A 1 4.63 -34.77 -1.59
C GLY A 1 5.52 -35.56 -0.64
N ALA A 2 5.97 -36.74 -1.12
CA ALA A 2 6.73 -37.70 -0.34
C ALA A 2 8.06 -37.96 -1.03
N ASP A 3 9.15 -37.85 -0.29
CA ASP A 3 10.48 -37.87 -0.86
C ASP A 3 11.45 -38.24 0.24
N GLY A 4 12.55 -38.90 -0.14
CA GLY A 4 13.59 -39.18 0.83
C GLY A 4 14.23 -37.91 1.32
N VAL A 5 15.08 -38.03 2.35
CA VAL A 5 15.79 -36.86 2.83
C VAL A 5 16.70 -36.29 1.75
N GLY A 6 17.36 -37.15 0.97
CA GLY A 6 18.24 -36.67 -0.08
C GLY A 6 17.60 -36.56 -1.45
N ASN A 7 16.72 -35.58 -1.62
CA ASN A 7 15.85 -35.55 -2.78
C ASN A 7 15.14 -34.21 -2.74
N ALA A 8 15.56 -33.28 -3.57
CA ALA A 8 14.89 -32.00 -3.66
C ALA A 8 13.38 -32.21 -3.74
N SER A 9 12.65 -31.27 -3.14
CA SER A 9 11.20 -31.33 -3.18
C SER A 9 10.63 -30.29 -4.12
N GLY A 10 11.44 -29.36 -4.60
CA GLY A 10 11.03 -28.40 -5.62
C GLY A 10 12.24 -27.81 -6.29
N ASN A 11 12.00 -27.12 -7.41
CA ASN A 11 13.04 -26.47 -8.16
C ASN A 11 12.91 -24.96 -8.02
N TRP A 12 13.96 -24.27 -8.42
CA TRP A 12 13.99 -22.81 -8.33
C TRP A 12 13.26 -22.21 -9.53
N HIS A 13 11.93 -22.06 -9.43
CA HIS A 13 11.15 -21.44 -10.49
C HIS A 13 11.13 -19.93 -10.25
N CYS A 14 11.93 -19.18 -11.02
CA CYS A 14 11.85 -17.73 -11.02
C CYS A 14 12.00 -17.31 -12.47
N ASP A 15 11.13 -16.44 -12.96
CA ASP A 15 11.16 -16.10 -14.37
C ASP A 15 10.20 -14.94 -14.64
N SER A 16 9.94 -14.70 -15.93
CA SER A 16 9.27 -13.49 -16.38
C SER A 16 8.87 -13.74 -17.83
N THR A 17 7.64 -14.24 -18.02
CA THR A 17 7.13 -14.64 -19.34
C THR A 17 5.96 -13.77 -19.74
N TRP A 18 6.09 -13.06 -20.86
CA TRP A 18 5.01 -12.24 -21.41
C TRP A 18 4.41 -12.97 -22.62
N LEU A 19 3.08 -13.06 -22.68
CA LEU A 19 2.43 -13.59 -23.87
C LEU A 19 1.10 -12.86 -24.12
N GLY A 20 1.02 -12.17 -25.24
CA GLY A 20 -0.20 -11.46 -25.61
C GLY A 20 -0.57 -10.43 -24.56
N ASP A 21 -1.80 -10.53 -24.04
CA ASP A 21 -2.34 -9.61 -23.06
C ASP A 21 -2.11 -10.09 -21.63
N ARG A 22 -1.13 -10.95 -21.40
CA ARG A 22 -0.90 -11.55 -20.10
C ARG A 22 0.58 -11.52 -19.80
N VAL A 23 0.93 -11.30 -18.54
CA VAL A 23 2.30 -11.43 -18.06
C VAL A 23 2.33 -12.34 -16.83
N ILE A 24 3.05 -13.46 -16.92
CA ILE A 24 3.16 -14.40 -15.82
C ILE A 24 4.53 -14.21 -15.19
N THR A 25 4.54 -13.85 -13.91
CA THR A 25 5.76 -13.71 -13.13
C THR A 25 5.84 -14.87 -12.16
N THR A 26 7.05 -15.34 -11.94
CA THR A 26 7.26 -16.31 -10.90
C THR A 26 8.54 -15.93 -10.20
N SER A 27 8.49 -15.91 -8.86
CA SER A 27 9.66 -15.54 -8.06
C SER A 27 9.81 -16.55 -6.94
N THR A 28 11.04 -17.04 -6.76
CA THR A 28 11.37 -17.97 -5.71
C THR A 28 12.39 -17.31 -4.78
N ARG A 29 12.17 -17.41 -3.47
CA ARG A 29 13.08 -16.90 -2.46
C ARG A 29 13.26 -17.97 -1.39
N THR A 30 14.33 -17.86 -0.63
CA THR A 30 14.57 -18.80 0.46
C THR A 30 14.39 -18.08 1.80
N TRP A 31 13.73 -18.77 2.74
CA TRP A 31 13.30 -18.17 4.00
C TRP A 31 13.91 -18.89 5.21
N ALA A 32 14.14 -18.12 6.27
CA ALA A 32 14.48 -18.68 7.56
C ALA A 32 13.31 -18.47 8.50
N LEU A 33 12.90 -19.55 9.17
CA LEU A 33 11.88 -19.48 10.21
C LEU A 33 12.49 -19.85 11.56
N PRO A 34 12.39 -18.96 12.56
CA PRO A 34 12.84 -19.28 13.92
C PRO A 34 11.70 -19.75 14.81
N THR A 35 12.02 -20.28 15.98
CA THR A 35 11.00 -20.43 17.00
C THR A 35 10.63 -19.04 17.50
N TYR A 36 9.35 -18.71 17.45
CA TYR A 36 8.86 -17.43 17.97
C TYR A 36 8.21 -17.65 19.32
N ASN A 37 8.40 -16.70 20.24
CA ASN A 37 7.66 -16.65 21.50
C ASN A 37 7.90 -17.88 22.36
N ASN A 38 8.84 -18.74 22.00
CA ASN A 38 9.06 -20.00 22.69
C ASN A 38 7.81 -20.89 22.62
N HIS A 39 7.25 -21.00 21.41
CA HIS A 39 6.08 -21.85 21.16
C HIS A 39 4.89 -21.47 22.01
N LEU A 40 4.90 -20.26 22.56
CA LEU A 40 3.83 -19.78 23.41
C LEU A 40 3.08 -18.68 22.69
N TYR A 41 1.81 -18.54 23.01
CA TYR A 41 1.13 -17.29 22.70
C TYR A 41 1.33 -16.38 23.90
N LYS A 42 1.34 -15.09 23.66
CA LYS A 42 1.44 -14.19 24.79
C LYS A 42 0.46 -13.05 24.60
N GLN A 43 -0.35 -12.79 25.62
CA GLN A 43 -1.18 -11.60 25.58
C GLN A 43 -0.24 -10.40 25.52
N ILE A 44 -0.53 -9.47 24.62
CA ILE A 44 0.26 -8.25 24.50
C ILE A 44 -0.66 -7.04 24.67
N SER A 45 -0.14 -6.01 25.34
CA SER A 45 -0.96 -4.92 25.79
C SER A 45 -0.13 -3.63 25.78
N SER A 46 -0.83 -2.49 25.76
CA SER A 46 -0.21 -1.21 26.03
C SER A 46 -0.07 -0.92 27.54
N ALA A 47 -0.22 -1.94 28.39
CA ALA A 47 -0.17 -1.75 29.83
C ALA A 47 1.23 -1.33 30.27
N SER A 48 1.29 -0.41 31.21
CA SER A 48 2.55 0.24 31.53
C SER A 48 2.83 1.17 30.36
N THR A 49 4.06 1.65 30.24
CA THR A 49 4.42 2.45 29.06
C THR A 49 3.76 3.82 29.15
N GLY A 50 2.45 3.84 29.37
CA GLY A 50 1.70 5.08 29.38
C GLY A 50 1.47 5.72 28.02
N ALA A 51 1.38 4.91 26.98
CA ALA A 51 1.15 5.40 25.63
C ALA A 51 -0.21 6.09 25.56
N SER A 52 -0.27 7.13 24.73
CA SER A 52 -1.39 8.04 24.73
C SER A 52 -2.57 7.22 24.31
N ASN A 53 -3.76 7.71 24.64
CA ASN A 53 -4.97 6.92 24.46
C ASN A 53 -5.02 6.53 23.00
N ASP A 54 -4.50 7.41 22.14
CA ASP A 54 -4.47 7.08 20.73
C ASP A 54 -3.74 5.77 20.47
N ASN A 55 -2.64 5.52 21.17
CA ASN A 55 -1.77 4.38 20.93
C ASN A 55 -2.13 3.13 21.73
N HIS A 56 -3.11 3.19 22.64
CA HIS A 56 -3.49 2.05 23.46
C HIS A 56 -3.95 0.89 22.58
N TYR A 57 -3.53 -0.33 22.93
CA TYR A 57 -3.88 -1.51 22.12
C TYR A 57 -3.92 -2.75 22.99
N PHE A 58 -4.69 -3.75 22.55
CA PHE A 58 -4.74 -5.04 23.22
C PHE A 58 -4.79 -6.15 22.17
N GLY A 59 -3.99 -7.21 22.38
CA GLY A 59 -3.98 -8.29 21.41
C GLY A 59 -3.10 -9.47 21.76
N TYR A 60 -2.56 -10.15 20.73
CA TYR A 60 -1.79 -11.38 20.93
C TYR A 60 -0.62 -11.48 19.97
N SER A 61 0.48 -12.03 20.47
CA SER A 61 1.55 -12.57 19.63
C SER A 61 1.46 -14.10 19.62
N THR A 62 1.79 -14.69 18.48
CA THR A 62 1.53 -16.06 18.03
C THR A 62 2.85 -16.80 17.82
N PRO A 63 2.91 -18.11 18.09
CA PRO A 63 4.13 -18.87 17.79
C PRO A 63 4.39 -19.03 16.31
N TRP A 64 3.40 -18.79 15.45
CA TRP A 64 3.50 -18.93 14.02
C TRP A 64 4.03 -17.65 13.39
N GLY A 65 4.61 -17.79 12.21
CA GLY A 65 4.84 -16.69 11.31
C GLY A 65 3.99 -16.82 10.06
N TYR A 66 4.15 -15.86 9.15
CA TYR A 66 3.36 -15.86 7.93
C TYR A 66 4.22 -15.48 6.72
N PHE A 67 3.68 -15.77 5.55
CA PHE A 67 4.28 -15.35 4.29
C PHE A 67 3.58 -14.10 3.80
N ASP A 68 4.37 -13.18 3.24
CA ASP A 68 3.81 -11.95 2.70
C ASP A 68 4.47 -11.61 1.36
N PHE A 69 3.72 -11.71 0.27
CA PHE A 69 4.23 -11.33 -1.03
C PHE A 69 3.43 -10.20 -1.62
N ASN A 70 2.97 -9.29 -0.75
CA ASN A 70 2.09 -8.16 -1.09
C ASN A 70 2.86 -6.89 -1.41
N ARG A 71 3.92 -6.99 -2.20
CA ARG A 71 4.62 -5.84 -2.77
C ARG A 71 5.04 -6.18 -4.19
N PHE A 72 5.03 -5.19 -5.06
CA PHE A 72 5.27 -5.48 -6.48
C PHE A 72 6.69 -5.98 -6.73
N HIS A 73 7.69 -5.40 -6.09
CA HIS A 73 9.05 -5.91 -6.28
C HIS A 73 9.22 -7.33 -5.80
N CYS A 74 8.19 -7.92 -5.16
CA CYS A 74 8.17 -9.35 -4.92
C CYS A 74 8.08 -10.14 -6.21
N HIS A 75 7.33 -9.65 -7.20
CA HIS A 75 7.15 -10.40 -8.45
C HIS A 75 7.54 -9.66 -9.72
N PHE A 76 7.79 -8.35 -9.65
CA PHE A 76 8.16 -7.58 -10.83
C PHE A 76 9.59 -7.09 -10.66
N SER A 77 10.48 -7.50 -11.57
CA SER A 77 11.83 -6.93 -11.56
C SER A 77 11.71 -5.52 -12.12
N PRO A 78 12.62 -4.62 -11.77
CA PRO A 78 12.45 -3.24 -12.24
C PRO A 78 12.31 -3.15 -13.76
N ARG A 79 13.11 -3.91 -14.52
CA ARG A 79 12.98 -3.88 -15.98
C ARG A 79 11.64 -4.43 -16.45
N ASP A 80 11.06 -5.36 -15.69
CA ASP A 80 9.71 -5.80 -16.00
C ASP A 80 8.69 -4.73 -15.64
N TRP A 81 8.90 -4.04 -14.52
CA TRP A 81 8.05 -2.90 -14.17
C TRP A 81 8.01 -1.91 -15.31
N GLN A 82 9.19 -1.64 -15.90
CA GLN A 82 9.30 -0.70 -17.01
C GLN A 82 8.44 -1.14 -18.19
N ARG A 83 8.52 -2.43 -18.54
CA ARG A 83 7.68 -2.94 -19.62
C ARG A 83 6.20 -2.71 -19.32
N LEU A 84 5.76 -2.99 -18.11
CA LEU A 84 4.39 -2.65 -17.73
C LEU A 84 4.13 -1.16 -17.91
N ILE A 85 4.85 -0.32 -17.14
CA ILE A 85 4.49 1.09 -17.05
C ILE A 85 4.73 1.83 -18.36
N ASN A 86 5.61 1.31 -19.22
CA ASN A 86 5.92 2.02 -20.45
C ASN A 86 5.00 1.66 -21.62
N ASN A 87 4.21 0.59 -21.51
CA ASN A 87 3.46 0.15 -22.69
C ASN A 87 2.04 -0.28 -22.41
N ASN A 88 1.57 -0.21 -21.18
CA ASN A 88 0.25 -0.70 -20.86
C ASN A 88 -0.59 0.41 -20.23
N TRP A 89 -1.89 0.39 -20.53
CA TRP A 89 -2.81 1.32 -19.91
C TRP A 89 -3.37 0.79 -18.61
N GLY A 90 -3.23 -0.51 -18.35
CA GLY A 90 -3.74 -1.08 -17.11
C GLY A 90 -3.30 -2.51 -16.92
N PHE A 91 -3.61 -3.02 -15.73
CA PHE A 91 -3.25 -4.39 -15.35
C PHE A 91 -3.93 -4.72 -14.03
N ARG A 92 -4.04 -6.02 -13.76
CA ARG A 92 -4.70 -6.49 -12.56
C ARG A 92 -4.25 -7.91 -12.28
N PRO A 93 -4.33 -8.35 -11.03
CA PRO A 93 -4.09 -9.77 -10.74
C PRO A 93 -5.22 -10.65 -11.26
N LYS A 94 -4.87 -11.92 -11.50
CA LYS A 94 -5.84 -12.90 -12.00
C LYS A 94 -5.74 -14.20 -11.23
N ARG A 95 -4.60 -14.87 -11.25
CA ARG A 95 -4.46 -16.09 -10.48
C ARG A 95 -3.12 -16.06 -9.74
N LEU A 96 -2.93 -17.05 -8.87
CA LEU A 96 -1.78 -17.13 -7.99
C LEU A 96 -1.44 -18.58 -7.70
N ASN A 97 -0.14 -18.88 -7.66
CA ASN A 97 0.33 -20.24 -7.41
C ASN A 97 1.45 -20.18 -6.39
N PHE A 98 1.31 -20.94 -5.30
CA PHE A 98 2.26 -20.85 -4.20
C PHE A 98 2.71 -22.24 -3.85
N LYS A 99 3.97 -22.32 -3.40
N LYS A 99 4.03 -22.42 -3.66
CA LYS A 99 4.63 -23.59 -3.15
CA LYS A 99 4.56 -23.68 -3.14
C LYS A 99 5.63 -23.43 -2.03
C LYS A 99 5.57 -23.44 -2.02
N LEU A 100 5.64 -24.37 -1.07
CA LEU A 100 6.70 -24.44 -0.06
C LEU A 100 7.46 -25.74 -0.23
N PHE A 101 8.78 -25.66 -0.36
CA PHE A 101 9.58 -26.82 -0.71
C PHE A 101 10.98 -26.73 -0.10
N ASN A 102 11.70 -27.87 -0.11
CA ASN A 102 13.11 -27.97 0.33
C ASN A 102 13.30 -27.56 1.78
N ILE A 103 12.31 -27.84 2.60
CA ILE A 103 12.33 -27.37 3.98
C ILE A 103 13.33 -28.19 4.79
N GLN A 104 14.19 -27.49 5.52
CA GLN A 104 15.21 -28.11 6.34
C GLN A 104 15.07 -27.59 7.75
N VAL A 105 14.79 -28.49 8.68
CA VAL A 105 14.75 -28.16 10.09
C VAL A 105 16.12 -28.46 10.65
N LYS A 106 16.63 -27.56 11.47
CA LYS A 106 17.95 -27.71 12.04
C LYS A 106 17.86 -27.57 13.55
N GLU A 107 18.72 -28.30 14.26
CA GLU A 107 18.78 -28.20 15.71
C GLU A 107 19.98 -27.37 16.10
N VAL A 108 19.83 -26.59 17.17
CA VAL A 108 20.88 -25.70 17.65
C VAL A 108 21.20 -26.05 19.10
N THR A 109 22.49 -26.21 19.39
CA THR A 109 22.99 -26.50 20.73
C THR A 109 24.07 -25.47 21.04
N THR A 110 23.96 -24.83 22.20
CA THR A 110 24.93 -23.83 22.65
C THR A 110 25.66 -24.34 23.89
N ASN A 111 26.97 -24.54 23.76
CA ASN A 111 27.82 -25.00 24.85
C ASN A 111 29.00 -24.07 24.99
N ASP A 112 29.06 -23.34 26.11
CA ASP A 112 30.11 -22.36 26.38
C ASP A 112 29.99 -21.23 25.35
N GLY A 113 31.10 -20.90 24.69
CA GLY A 113 31.06 -19.89 23.66
C GLY A 113 30.63 -20.41 22.32
N VAL A 114 30.83 -21.71 22.08
CA VAL A 114 30.67 -22.28 20.75
C VAL A 114 29.26 -22.81 20.58
N THR A 115 28.70 -22.56 19.39
CA THR A 115 27.37 -23.00 19.01
C THR A 115 27.51 -23.98 17.87
N THR A 116 26.72 -25.04 17.92
CA THR A 116 26.72 -26.02 16.86
C THR A 116 25.31 -26.15 16.29
N ILE A 117 25.21 -26.23 14.97
CA ILE A 117 23.94 -26.33 14.27
C ILE A 117 23.94 -27.61 13.46
N ALA A 118 23.06 -28.54 13.80
CA ALA A 118 22.97 -29.80 13.07
C ALA A 118 21.57 -30.01 12.49
N ASN A 119 21.48 -30.94 11.56
CA ASN A 119 20.23 -31.25 10.91
C ASN A 119 19.39 -32.19 11.78
N ASN A 120 18.14 -31.82 11.99
CA ASN A 120 17.16 -32.70 12.63
C ASN A 120 16.24 -33.22 11.52
N LEU A 121 16.40 -34.49 11.16
CA LEU A 121 15.72 -35.05 10.00
C LEU A 121 14.30 -35.51 10.29
N THR A 122 13.86 -35.51 11.55
CA THR A 122 12.53 -36.00 11.90
C THR A 122 11.57 -34.88 12.31
N SER A 123 12.03 -33.64 12.30
CA SER A 123 11.22 -32.50 12.72
C SER A 123 10.42 -31.93 11.56
N THR A 124 9.33 -31.27 11.93
CA THR A 124 8.27 -30.91 11.01
C THR A 124 7.94 -29.43 11.13
N VAL A 125 7.84 -28.77 9.99
CA VAL A 125 7.26 -27.44 9.95
C VAL A 125 5.83 -27.57 9.41
N GLN A 126 4.90 -26.81 9.99
CA GLN A 126 3.50 -26.93 9.64
C GLN A 126 3.03 -25.65 8.98
N VAL A 127 2.36 -25.78 7.83
CA VAL A 127 1.83 -24.66 7.07
C VAL A 127 0.33 -24.87 6.85
N PHE A 128 -0.42 -23.77 6.88
CA PHE A 128 -1.83 -23.79 6.52
C PHE A 128 -2.22 -22.39 6.02
N SER A 129 -3.15 -22.36 5.07
CA SER A 129 -3.62 -21.08 4.55
C SER A 129 -5.02 -20.85 5.09
N ASP A 130 -5.29 -19.61 5.51
CA ASP A 130 -6.58 -19.21 6.08
C ASP A 130 -7.54 -18.88 4.94
N SER A 131 -8.01 -19.93 4.28
CA SER A 131 -8.81 -19.78 3.08
C SER A 131 -10.24 -19.33 3.38
N GLU A 132 -10.72 -19.54 4.59
CA GLU A 132 -12.03 -19.06 5.02
C GLU A 132 -11.95 -17.72 5.74
N TYR A 133 -10.77 -17.10 5.75
CA TYR A 133 -10.56 -15.80 6.38
C TYR A 133 -11.02 -15.79 7.85
N GLN A 134 -10.86 -16.93 8.53
CA GLN A 134 -11.29 -17.05 9.91
C GLN A 134 -10.39 -16.33 10.89
N LEU A 135 -9.12 -16.02 10.47
CA LEU A 135 -8.14 -15.33 11.30
C LEU A 135 -8.06 -13.86 10.94
N PRO A 136 -7.80 -13.02 11.94
CA PRO A 136 -7.62 -11.58 11.69
C PRO A 136 -6.60 -11.36 10.59
N TYR A 137 -7.01 -10.65 9.56
CA TYR A 137 -6.16 -10.47 8.39
C TYR A 137 -5.18 -9.35 8.68
N VAL A 138 -3.91 -9.73 8.76
CA VAL A 138 -2.85 -8.81 9.12
C VAL A 138 -2.09 -8.32 7.89
N LEU A 139 -2.16 -9.04 6.76
CA LEU A 139 -1.67 -8.50 5.50
C LEU A 139 -2.41 -7.21 5.17
N GLY A 140 -1.91 -6.50 4.17
CA GLY A 140 -2.55 -5.25 3.80
C GLY A 140 -2.53 -4.21 4.90
N SER A 141 -1.39 -4.08 5.56
CA SER A 141 -1.14 -2.98 6.49
C SER A 141 0.27 -2.44 6.31
N ALA A 142 0.90 -2.77 5.17
CA ALA A 142 2.19 -2.22 4.75
C ALA A 142 3.34 -2.62 5.69
N HIS A 143 3.28 -3.83 6.24
CA HIS A 143 4.29 -4.27 7.19
C HIS A 143 5.53 -4.78 6.48
N GLN A 144 6.60 -4.90 7.25
CA GLN A 144 7.78 -5.50 6.66
C GLN A 144 7.68 -7.02 6.74
N GLY A 145 8.71 -7.72 6.29
CA GLY A 145 8.69 -9.15 6.26
C GLY A 145 8.31 -9.76 4.94
N CYS A 146 8.10 -8.93 3.91
CA CYS A 146 7.70 -9.43 2.61
C CYS A 146 8.88 -10.06 1.86
N LEU A 147 8.57 -10.67 0.72
CA LEU A 147 9.62 -11.24 -0.11
C LEU A 147 10.55 -10.12 -0.59
N PRO A 148 11.84 -10.36 -0.62
CA PRO A 148 12.78 -9.29 -0.88
C PRO A 148 12.80 -8.96 -2.36
N PRO A 149 13.16 -7.72 -2.72
CA PRO A 149 13.22 -7.36 -4.14
C PRO A 149 14.27 -8.14 -4.89
N PHE A 150 15.39 -8.44 -4.26
CA PHE A 150 16.48 -9.06 -4.98
C PHE A 150 16.43 -10.55 -4.74
N PRO A 151 16.17 -11.35 -5.76
CA PRO A 151 15.98 -12.79 -5.53
C PRO A 151 17.13 -13.45 -4.76
N ALA A 152 18.34 -12.96 -4.89
CA ALA A 152 19.45 -13.59 -4.19
C ALA A 152 19.52 -13.20 -2.72
N ASP A 153 18.55 -12.45 -2.22
CA ASP A 153 18.53 -11.99 -0.84
C ASP A 153 17.71 -12.93 0.03
N VAL A 154 18.29 -13.40 1.12
CA VAL A 154 17.59 -14.31 2.01
C VAL A 154 16.87 -13.53 3.09
N PHE A 155 15.61 -13.87 3.34
CA PHE A 155 14.79 -13.12 4.26
C PHE A 155 14.32 -13.99 5.40
N MET A 156 14.16 -13.35 6.55
CA MET A 156 13.50 -13.90 7.71
C MET A 156 11.98 -13.76 7.56
N ILE A 157 11.25 -14.79 7.99
CA ILE A 157 9.78 -14.79 8.02
C ILE A 157 9.22 -13.99 9.19
N PRO A 158 8.39 -12.99 8.95
CA PRO A 158 7.79 -12.23 10.05
C PRO A 158 6.90 -13.08 10.92
N GLN A 159 6.75 -12.66 12.18
CA GLN A 159 5.90 -13.38 13.13
C GLN A 159 4.45 -12.89 13.05
N TYR A 160 3.50 -13.81 13.19
CA TYR A 160 2.10 -13.43 13.19
C TYR A 160 1.67 -12.89 14.55
N GLY A 161 1.08 -11.69 14.54
CA GLY A 161 0.29 -11.22 15.66
C GLY A 161 -0.97 -10.57 15.13
N TYR A 162 -1.97 -10.44 16.01
CA TYR A 162 -3.21 -9.76 15.65
C TYR A 162 -3.68 -8.96 16.87
N LEU A 163 -4.85 -8.34 16.75
CA LEU A 163 -5.40 -7.51 17.82
C LEU A 163 -6.91 -7.65 17.80
N THR A 164 -7.54 -7.27 18.90
CA THR A 164 -9.00 -7.14 18.97
C THR A 164 -9.34 -5.88 19.73
N LEU A 165 -10.59 -5.79 20.19
CA LEU A 165 -11.10 -4.60 20.85
C LEU A 165 -10.27 -4.26 22.09
N ASN A 166 -10.07 -2.95 22.31
CA ASN A 166 -9.37 -2.47 23.49
C ASN A 166 -10.03 -1.19 23.98
N ASN A 167 -10.30 -1.15 25.27
CA ASN A 167 -10.55 0.09 25.99
C ASN A 167 -9.32 0.35 26.85
N GLY A 168 -8.59 1.41 26.54
CA GLY A 168 -7.28 1.56 27.17
C GLY A 168 -6.42 0.32 27.01
N SER A 169 -5.71 -0.05 28.07
CA SER A 169 -4.95 -1.29 28.11
C SER A 169 -5.85 -2.51 28.37
N GLN A 170 -7.04 -2.29 28.90
CA GLN A 170 -7.97 -3.38 29.19
C GLN A 170 -8.66 -3.85 27.91
N ALA A 171 -9.24 -5.06 27.98
CA ALA A 171 -9.99 -5.67 26.89
C ALA A 171 -11.47 -5.63 27.18
N VAL A 172 -12.27 -6.17 26.26
CA VAL A 172 -13.73 -6.16 26.37
C VAL A 172 -14.27 -7.55 26.09
N GLY A 173 -15.49 -7.81 26.55
CA GLY A 173 -16.10 -9.13 26.39
C GLY A 173 -16.09 -9.64 24.96
N ARG A 174 -16.24 -8.74 23.98
CA ARG A 174 -16.30 -9.17 22.57
C ARG A 174 -14.92 -9.51 21.98
N SER A 175 -13.84 -8.95 22.53
CA SER A 175 -12.49 -9.22 22.00
C SER A 175 -12.28 -10.71 21.76
N SER A 176 -11.47 -11.05 20.75
CA SER A 176 -11.34 -12.43 20.28
C SER A 176 -9.91 -12.96 20.36
N PHE A 177 -9.82 -14.21 20.80
CA PHE A 177 -8.55 -14.93 20.93
C PHE A 177 -8.55 -16.10 19.95
N TYR A 178 -7.46 -16.24 19.20
CA TYR A 178 -7.35 -17.23 18.14
C TYR A 178 -6.15 -18.14 18.42
N CYS A 179 -6.39 -19.44 18.40
CA CYS A 179 -5.34 -20.44 18.51
C CYS A 179 -5.17 -21.03 17.13
N LEU A 180 -3.97 -20.89 16.58
CA LEU A 180 -3.73 -21.40 15.24
C LEU A 180 -3.47 -22.90 15.24
N GLU A 181 -3.29 -23.50 16.41
CA GLU A 181 -3.34 -24.94 16.55
C GLU A 181 -4.76 -25.49 16.36
N TYR A 182 -5.77 -24.62 16.33
CA TYR A 182 -7.15 -25.08 16.20
C TYR A 182 -7.50 -25.46 14.76
N PHE A 183 -6.83 -24.84 13.77
CA PHE A 183 -7.02 -25.14 12.36
C PHE A 183 -6.23 -26.39 11.96
N PRO A 184 -6.70 -27.13 10.95
CA PRO A 184 -5.88 -28.20 10.38
C PRO A 184 -4.73 -27.62 9.58
N SER A 185 -3.54 -28.18 9.75
CA SER A 185 -2.36 -27.67 9.08
C SER A 185 -1.52 -28.84 8.56
N GLN A 186 -0.85 -28.60 7.43
CA GLN A 186 -0.03 -29.64 6.81
C GLN A 186 1.31 -29.74 7.54
N MET A 187 1.69 -30.94 7.99
CA MET A 187 2.99 -31.13 8.61
C MET A 187 4.00 -31.65 7.58
N LEU A 188 5.24 -31.15 7.65
CA LEU A 188 6.27 -31.47 6.65
C LEU A 188 7.63 -31.77 7.30
N ARG A 189 8.20 -32.95 7.04
CA ARG A 189 9.62 -33.20 7.24
C ARG A 189 10.40 -32.75 6.01
N THR A 190 11.72 -32.90 6.03
CA THR A 190 12.52 -32.37 4.92
C THR A 190 12.11 -32.96 3.57
N GLY A 191 11.40 -34.08 3.58
CA GLY A 191 10.93 -34.65 2.33
C GLY A 191 9.63 -34.10 1.77
N ASN A 192 8.85 -33.38 2.56
CA ASN A 192 7.51 -32.98 2.15
C ASN A 192 7.56 -31.62 1.49
N ASN A 193 6.60 -31.37 0.62
CA ASN A 193 6.38 -30.04 0.07
C ASN A 193 4.92 -29.66 0.31
N PHE A 194 4.55 -28.44 -0.09
CA PHE A 194 3.24 -27.84 0.17
C PHE A 194 2.93 -26.90 -0.98
N THR A 195 1.68 -26.93 -1.47
CA THR A 195 1.28 -26.06 -2.58
C THR A 195 -0.20 -25.67 -2.45
N PHE A 196 -0.53 -24.48 -2.96
CA PHE A 196 -1.93 -24.15 -3.17
C PHE A 196 -2.03 -23.15 -4.30
N SER A 197 -3.24 -22.97 -4.82
CA SER A 197 -3.47 -22.04 -5.91
C SER A 197 -4.74 -21.24 -5.65
N TYR A 198 -4.75 -20.00 -6.14
CA TYR A 198 -5.75 -19.01 -5.76
C TYR A 198 -6.17 -18.21 -6.98
N THR A 199 -7.43 -17.83 -7.06
CA THR A 199 -7.91 -16.98 -8.15
C THR A 199 -8.43 -15.66 -7.58
N PHE A 200 -7.99 -14.55 -8.18
CA PHE A 200 -8.51 -13.26 -7.76
C PHE A 200 -9.90 -13.06 -8.32
N GLU A 201 -10.69 -12.30 -7.59
CA GLU A 201 -11.99 -11.91 -8.08
C GLU A 201 -11.79 -10.92 -9.22
N GLU A 202 -12.88 -10.65 -9.94
CA GLU A 202 -12.81 -9.60 -10.94
C GLU A 202 -12.68 -8.26 -10.23
N VAL A 203 -11.64 -7.51 -10.59
CA VAL A 203 -11.48 -6.12 -10.16
C VAL A 203 -11.06 -5.30 -11.37
N PRO A 204 -11.25 -4.00 -11.33
CA PRO A 204 -10.88 -3.17 -12.48
C PRO A 204 -9.37 -3.10 -12.69
N PHE A 205 -9.00 -2.74 -13.91
CA PHE A 205 -7.59 -2.54 -14.18
C PHE A 205 -7.08 -1.34 -13.39
N HIS A 206 -5.83 -1.40 -12.93
CA HIS A 206 -5.23 -0.21 -12.37
C HIS A 206 -4.87 0.80 -13.48
N SER A 207 -4.87 2.08 -13.13
CA SER A 207 -4.71 3.17 -14.10
C SER A 207 -3.23 3.52 -14.31
N SER A 208 -2.57 2.73 -15.19
CA SER A 208 -1.16 3.01 -15.49
C SER A 208 -1.05 4.04 -16.61
N TYR A 209 -1.77 5.13 -16.39
CA TYR A 209 -1.79 6.22 -17.35
C TYR A 209 -2.06 7.51 -16.58
N ALA A 210 -1.79 8.63 -17.25
CA ALA A 210 -2.22 9.94 -16.81
C ALA A 210 -3.16 10.51 -17.87
N HIS A 211 -3.93 11.51 -17.48
CA HIS A 211 -4.85 12.17 -18.39
C HIS A 211 -4.12 13.25 -19.18
N SER A 212 -4.23 13.19 -20.50
CA SER A 212 -3.76 14.30 -21.32
C SER A 212 -4.70 15.51 -21.29
N GLN A 213 -5.79 15.46 -20.51
CA GLN A 213 -6.78 16.53 -20.45
C GLN A 213 -7.20 16.70 -19.00
N SER A 214 -7.68 17.90 -18.67
CA SER A 214 -8.20 18.20 -17.34
C SER A 214 -9.70 18.49 -17.38
N LEU A 215 -10.34 18.36 -16.21
CA LEU A 215 -11.80 18.47 -16.13
C LEU A 215 -12.31 19.81 -16.64
N ASP A 216 -11.55 20.89 -16.40
CA ASP A 216 -11.95 22.24 -16.81
C ASP A 216 -11.53 22.61 -18.23
N ARG A 217 -10.93 21.68 -18.98
CA ARG A 217 -10.48 21.88 -20.34
C ARG A 217 -10.99 20.77 -21.26
N LEU A 218 -12.28 20.41 -21.16
CA LEU A 218 -12.84 19.36 -22.01
C LEU A 218 -13.63 19.90 -23.18
N MET A 219 -13.93 21.19 -23.18
CA MET A 219 -14.76 21.83 -24.17
C MET A 219 -13.95 22.16 -25.43
N ASN A 220 -14.66 22.51 -26.50
CA ASN A 220 -14.06 22.91 -27.79
C ASN A 220 -13.71 24.40 -27.71
N PRO A 221 -12.43 24.77 -27.86
CA PRO A 221 -12.04 26.17 -27.69
C PRO A 221 -12.43 27.09 -28.83
N LEU A 222 -13.11 26.61 -29.87
CA LEU A 222 -13.42 27.45 -31.01
C LEU A 222 -14.88 27.78 -31.13
N ILE A 223 -15.71 27.31 -30.21
CA ILE A 223 -17.15 27.29 -30.39
C ILE A 223 -17.79 27.79 -29.11
N ASP A 224 -18.50 28.90 -29.20
CA ASP A 224 -19.28 29.40 -28.08
C ASP A 224 -20.29 28.33 -27.65
N GLN A 225 -20.73 28.41 -26.40
CA GLN A 225 -21.82 27.55 -25.98
C GLN A 225 -23.14 28.22 -26.28
N TYR A 226 -24.19 27.40 -26.38
CA TYR A 226 -25.54 27.95 -26.38
C TYR A 226 -26.05 28.27 -24.97
N LEU A 227 -25.37 27.79 -23.92
CA LEU A 227 -25.81 28.15 -22.58
C LEU A 227 -25.36 29.56 -22.22
N TYR A 228 -26.18 30.21 -21.38
CA TYR A 228 -25.90 31.53 -20.86
C TYR A 228 -25.74 31.45 -19.34
N TYR A 229 -24.94 32.37 -18.82
CA TYR A 229 -24.69 32.48 -17.39
C TYR A 229 -24.82 33.95 -17.00
N LEU A 230 -25.22 34.19 -15.75
CA LEU A 230 -25.29 35.56 -15.24
C LEU A 230 -23.89 36.15 -15.13
N ASN A 231 -23.61 37.17 -15.94
CA ASN A 231 -22.26 37.73 -16.00
C ASN A 231 -22.00 38.90 -15.05
N ARG A 232 -22.75 39.99 -15.16
CA ARG A 232 -22.53 41.12 -14.25
C ARG A 232 -23.76 41.37 -13.40
N THR A 233 -23.53 41.89 -12.19
CA THR A 233 -24.60 42.43 -11.37
C THR A 233 -24.44 43.92 -11.12
N GLN A 234 -23.54 44.58 -11.86
CA GLN A 234 -23.35 46.02 -11.78
C GLN A 234 -23.05 46.52 -13.18
N ASN A 235 -23.79 47.55 -13.58
CA ASN A 235 -23.88 47.84 -15.01
C ASN A 235 -22.53 48.23 -15.61
N GLN A 236 -22.19 47.57 -16.71
N GLN A 236 -22.15 47.55 -16.68
CA GLN A 236 -21.26 48.10 -17.70
CA GLN A 236 -21.10 48.09 -17.51
C GLN A 236 -21.59 49.54 -18.04
C GLN A 236 -21.55 49.37 -18.23
N SER A 237 -20.58 50.26 -18.45
CA SER A 237 -20.84 51.54 -19.11
C SER A 237 -21.89 52.42 -18.40
N GLY A 238 -21.89 52.44 -17.08
CA GLY A 238 -22.71 53.34 -16.36
C GLY A 238 -21.84 54.29 -15.56
N SER A 239 -22.29 55.54 -15.52
CA SER A 239 -21.46 56.58 -14.91
C SER A 239 -21.26 56.30 -13.44
N ALA A 240 -22.29 55.80 -12.76
CA ALA A 240 -22.19 55.43 -11.36
C ALA A 240 -21.88 53.94 -11.27
N GLN A 241 -22.19 53.34 -10.13
CA GLN A 241 -22.19 51.89 -9.96
C GLN A 241 -23.64 51.49 -9.79
N ASN A 242 -24.35 51.33 -10.92
CA ASN A 242 -25.77 51.02 -10.90
C ASN A 242 -26.03 49.52 -11.05
N LYS A 243 -27.00 49.02 -10.29
CA LYS A 243 -27.31 47.60 -10.28
C LYS A 243 -27.81 47.16 -11.65
N ASP A 244 -27.47 45.94 -12.04
CA ASP A 244 -27.92 45.42 -13.33
C ASP A 244 -27.95 43.90 -13.24
N LEU A 245 -28.45 43.29 -14.30
CA LEU A 245 -28.45 41.83 -14.47
C LEU A 245 -28.06 41.62 -15.93
N LEU A 246 -26.80 41.30 -16.17
CA LEU A 246 -26.27 41.14 -17.51
C LEU A 246 -25.80 39.69 -17.71
N PHE A 247 -26.28 39.08 -18.80
CA PHE A 247 -26.04 37.67 -19.11
C PHE A 247 -25.13 37.59 -20.33
N SER A 248 -24.20 36.63 -20.29
CA SER A 248 -23.29 36.31 -21.40
C SER A 248 -23.34 34.82 -21.68
N ARG A 249 -23.15 34.44 -22.95
CA ARG A 249 -23.04 33.04 -23.32
C ARG A 249 -21.58 32.58 -23.27
N GLY A 250 -21.40 31.27 -23.03
CA GLY A 250 -20.10 30.63 -22.94
C GLY A 250 -19.18 30.92 -24.11
N SER A 251 -17.93 31.22 -23.81
CA SER A 251 -17.01 31.70 -24.82
C SER A 251 -15.62 31.19 -24.48
N PRO A 252 -14.76 30.99 -25.48
CA PRO A 252 -13.42 30.47 -25.19
C PRO A 252 -12.59 31.40 -24.34
N ALA A 253 -12.83 32.73 -24.45
CA ALA A 253 -12.19 33.82 -23.69
C ALA A 253 -12.58 33.82 -22.22
N GLY A 254 -13.29 32.76 -21.85
CA GLY A 254 -13.71 32.57 -20.48
C GLY A 254 -14.10 31.14 -20.20
N MET A 255 -13.13 30.23 -20.25
CA MET A 255 -13.41 28.84 -19.89
C MET A 255 -13.86 28.68 -18.45
N SER A 256 -13.45 29.60 -17.57
CA SER A 256 -13.68 29.51 -16.12
C SER A 256 -15.13 29.69 -15.69
N VAL A 257 -16.01 30.19 -16.56
CA VAL A 257 -17.40 30.42 -16.21
C VAL A 257 -18.38 29.63 -17.06
N GLN A 258 -17.87 28.90 -18.07
CA GLN A 258 -18.70 28.05 -18.92
C GLN A 258 -19.36 26.97 -18.05
N PRO A 259 -20.67 26.79 -18.17
CA PRO A 259 -21.31 25.60 -17.58
C PRO A 259 -20.58 24.33 -17.99
N LYS A 260 -20.53 23.37 -17.07
CA LYS A 260 -19.72 22.16 -17.23
C LYS A 260 -20.53 20.96 -16.73
N ASN A 261 -20.09 19.76 -17.10
CA ASN A 261 -20.84 18.56 -16.72
C ASN A 261 -20.36 17.91 -15.44
N TRP A 262 -19.17 18.22 -14.96
CA TRP A 262 -18.59 17.37 -13.95
C TRP A 262 -17.96 18.19 -12.83
N LEU A 263 -17.70 17.53 -11.71
CA LEU A 263 -17.03 18.04 -10.55
C LEU A 263 -15.70 17.32 -10.34
N PRO A 264 -14.68 17.99 -9.81
CA PRO A 264 -13.48 17.26 -9.39
C PRO A 264 -13.81 16.25 -8.31
N GLY A 265 -12.79 15.47 -7.92
CA GLY A 265 -12.97 14.46 -6.91
C GLY A 265 -13.12 15.02 -5.51
N PRO A 266 -13.42 14.15 -4.55
CA PRO A 266 -13.57 14.60 -3.17
C PRO A 266 -12.22 15.01 -2.60
N CYS A 267 -12.28 15.91 -1.63
CA CYS A 267 -11.08 16.46 -1.05
C CYS A 267 -11.17 16.39 0.47
N TYR A 268 -10.01 16.29 1.11
CA TYR A 268 -9.95 16.39 2.58
C TYR A 268 -8.59 16.99 2.91
N ARG A 269 -8.56 18.32 2.92
CA ARG A 269 -7.32 19.09 2.85
C ARG A 269 -6.35 18.66 3.93
N GLN A 270 -5.06 18.67 3.58
CA GLN A 270 -3.97 18.42 4.49
C GLN A 270 -3.00 19.60 4.48
N GLN A 271 -2.24 19.71 5.57
CA GLN A 271 -1.28 20.79 5.70
C GLN A 271 -0.18 20.66 4.64
N ARG A 272 0.26 21.80 4.11
CA ARG A 272 1.34 21.86 3.13
C ARG A 272 2.65 22.15 3.84
N VAL A 273 3.67 21.35 3.57
CA VAL A 273 4.99 21.56 4.18
C VAL A 273 6.04 21.47 3.10
N SER A 274 7.01 22.39 3.13
CA SER A 274 8.03 22.50 2.12
C SER A 274 9.19 21.54 2.39
N LYS A 275 9.79 21.02 1.33
CA LYS A 275 10.98 20.19 1.50
C LYS A 275 12.19 21.00 1.95
N THR A 276 12.12 22.33 1.84
CA THR A 276 13.20 23.21 2.32
C THR A 276 12.80 23.76 3.68
N LYS A 277 13.52 23.35 4.73
CA LYS A 277 13.09 23.54 6.12
C LYS A 277 12.84 25.01 6.48
N THR A 278 13.51 25.94 5.79
CA THR A 278 13.38 27.35 6.14
C THR A 278 11.92 27.84 6.07
N ASP A 279 11.24 27.56 4.96
CA ASP A 279 9.90 28.11 4.74
C ASP A 279 8.88 27.65 5.75
N ASN A 280 9.17 26.64 6.55
CA ASN A 280 8.17 26.03 7.42
C ASN A 280 8.08 26.75 8.75
N ASN A 281 6.96 26.52 9.43
CA ASN A 281 6.74 27.15 10.72
C ASN A 281 7.74 26.59 11.73
N ASN A 282 8.14 27.45 12.66
CA ASN A 282 9.05 27.04 13.74
C ASN A 282 8.20 26.44 14.88
N SER A 283 7.69 25.24 14.63
CA SER A 283 6.96 24.47 15.63
C SER A 283 6.96 23.00 15.22
N ASN A 284 6.40 22.15 16.07
CA ASN A 284 6.35 20.72 15.78
C ASN A 284 4.89 20.30 15.55
N PHE A 285 4.41 20.55 14.34
CA PHE A 285 2.99 20.47 14.09
C PHE A 285 2.52 19.14 13.51
N THR A 286 3.41 18.16 13.33
CA THR A 286 2.99 16.93 12.66
C THR A 286 1.82 16.23 13.37
N TRP A 287 1.49 16.62 14.60
CA TRP A 287 0.27 16.13 15.25
C TRP A 287 -0.77 17.22 15.44
N THR A 288 -0.35 18.37 16.00
CA THR A 288 -1.31 19.43 16.32
C THR A 288 -1.95 20.02 15.07
N GLY A 289 -1.20 20.13 13.97
CA GLY A 289 -1.73 20.50 12.67
C GLY A 289 -2.08 19.32 11.78
N ALA A 290 -2.04 18.10 12.32
CA ALA A 290 -2.39 16.93 11.54
C ALA A 290 -3.88 16.92 11.20
N SER A 291 -4.18 16.51 9.97
CA SER A 291 -5.52 16.08 9.63
C SER A 291 -5.68 14.63 10.08
N LYS A 292 -6.64 14.40 10.98
CA LYS A 292 -6.78 13.12 11.65
C LYS A 292 -8.24 12.68 11.58
N TYR A 293 -8.50 11.42 11.96
CA TYR A 293 -9.87 10.98 12.17
C TYR A 293 -10.08 10.59 13.63
N ASN A 294 -11.35 10.54 14.03
CA ASN A 294 -11.73 10.38 15.42
C ASN A 294 -12.63 9.17 15.52
N LEU A 295 -12.07 8.07 16.02
CA LEU A 295 -12.81 6.85 16.23
C LEU A 295 -12.70 6.48 17.70
N ASN A 296 -13.85 6.22 18.31
CA ASN A 296 -13.94 5.80 19.71
C ASN A 296 -13.00 6.61 20.60
N GLY A 297 -13.26 7.92 20.65
CA GLY A 297 -12.45 8.82 21.46
C GLY A 297 -10.95 8.65 21.29
N ARG A 298 -10.53 8.21 20.12
CA ARG A 298 -9.13 7.91 19.84
C ARG A 298 -8.77 8.49 18.48
N GLU A 299 -7.70 9.28 18.42
CA GLU A 299 -7.31 9.97 17.20
C GLU A 299 -6.25 9.19 16.46
N SER A 300 -6.36 9.17 15.14
CA SER A 300 -5.43 8.43 14.30
C SER A 300 -5.21 9.26 13.06
N ILE A 301 -3.94 9.50 12.69
CA ILE A 301 -3.69 10.36 11.55
C ILE A 301 -4.24 9.70 10.30
N ILE A 302 -4.74 10.52 9.38
CA ILE A 302 -5.12 10.06 8.06
C ILE A 302 -3.87 10.08 7.20
N ASN A 303 -3.51 8.93 6.68
CA ASN A 303 -2.34 8.80 5.84
C ASN A 303 -2.61 7.45 5.21
N PRO A 304 -2.69 7.42 3.86
CA PRO A 304 -2.39 8.58 3.02
C PRO A 304 -3.62 9.39 2.67
N GLY A 305 -4.79 8.88 3.02
CA GLY A 305 -6.00 9.66 2.86
C GLY A 305 -6.57 9.70 1.45
N THR A 306 -7.61 10.50 1.31
CA THR A 306 -8.28 10.58 0.03
C THR A 306 -7.27 10.98 -1.05
N ALA A 307 -7.43 10.40 -2.23
CA ALA A 307 -6.42 10.56 -3.28
C ALA A 307 -6.46 11.97 -3.84
N MET A 308 -5.40 12.75 -3.62
CA MET A 308 -5.37 14.13 -4.08
C MET A 308 -4.00 14.44 -4.68
N ALA A 309 -3.95 15.48 -5.53
CA ALA A 309 -2.69 15.90 -6.15
C ALA A 309 -1.74 16.47 -5.09
N SER A 310 -0.44 16.30 -5.34
CA SER A 310 0.57 16.58 -4.31
C SER A 310 1.04 18.02 -4.31
N HIS A 311 1.01 18.69 -5.45
CA HIS A 311 1.36 20.10 -5.53
C HIS A 311 0.81 20.60 -6.86
N LYS A 312 0.70 21.92 -7.00
CA LYS A 312 0.14 22.42 -8.24
C LYS A 312 1.27 22.59 -9.27
N ASP A 313 0.92 23.16 -10.41
CA ASP A 313 1.91 23.49 -11.43
C ASP A 313 2.96 24.43 -10.87
N ASP A 314 4.22 24.03 -10.97
CA ASP A 314 5.40 24.82 -10.61
C ASP A 314 5.66 24.93 -9.11
N GLU A 315 4.92 24.19 -8.27
CA GLU A 315 5.17 24.22 -6.84
C GLU A 315 5.76 22.89 -6.39
N ASP A 316 6.78 22.39 -7.10
CA ASP A 316 7.28 21.04 -6.83
C ASP A 316 7.80 20.85 -5.41
N LYS A 317 8.10 21.94 -4.69
CA LYS A 317 8.78 21.89 -3.40
C LYS A 317 7.89 21.46 -2.25
N PHE A 318 6.57 21.38 -2.44
CA PHE A 318 5.65 21.10 -1.35
C PHE A 318 5.21 19.64 -1.35
N PHE A 319 4.51 19.25 -0.28
CA PHE A 319 3.90 17.93 -0.16
C PHE A 319 2.90 17.94 1.01
N PRO A 320 1.83 17.14 0.94
CA PRO A 320 0.90 17.08 2.05
C PRO A 320 1.53 16.36 3.23
N MET A 321 1.19 16.81 4.43
CA MET A 321 1.93 16.35 5.60
C MET A 321 1.75 14.85 5.80
N SER A 322 0.58 14.31 5.49
CA SER A 322 0.31 12.88 5.64
C SER A 322 -0.46 12.35 4.44
N GLY A 323 -0.27 12.97 3.28
CA GLY A 323 -1.06 12.65 2.10
C GLY A 323 -0.23 12.18 0.92
N VAL A 324 0.96 11.66 1.21
CA VAL A 324 1.80 10.99 0.21
C VAL A 324 2.45 9.80 0.89
N MET A 325 2.76 8.78 0.09
CA MET A 325 3.49 7.64 0.60
C MET A 325 4.98 7.96 0.55
N ILE A 326 5.72 7.52 1.57
CA ILE A 326 7.13 7.80 1.68
C ILE A 326 7.87 6.50 1.97
N PHE A 327 8.77 6.12 1.07
CA PHE A 327 9.61 4.95 1.23
C PHE A 327 10.95 5.36 1.80
N GLY A 328 11.43 4.64 2.81
CA GLY A 328 12.77 4.89 3.31
C GLY A 328 13.82 4.23 2.43
N LYS A 329 14.94 4.93 2.23
CA LYS A 329 16.10 4.30 1.63
C LYS A 329 16.68 3.26 2.60
N GLU A 330 17.56 2.41 2.08
CA GLU A 330 18.05 1.30 2.88
C GLU A 330 18.82 1.78 4.09
N SER A 331 19.48 2.94 3.97
CA SER A 331 20.27 3.53 5.04
C SER A 331 19.42 4.09 6.17
N ALA A 332 18.23 4.62 5.85
CA ALA A 332 17.40 5.33 6.81
C ALA A 332 17.22 4.55 8.11
N GLY A 333 17.18 5.28 9.23
CA GLY A 333 16.87 4.70 10.51
C GLY A 333 15.39 4.45 10.69
N ALA A 334 15.03 3.98 11.89
CA ALA A 334 13.64 3.64 12.14
C ALA A 334 12.82 4.86 12.59
N SER A 335 13.46 5.82 13.25
CA SER A 335 12.74 7.01 13.70
C SER A 335 13.64 8.25 13.59
N ASN A 336 13.03 9.34 13.15
CA ASN A 336 13.65 10.67 13.07
C ASN A 336 14.93 10.69 12.21
N THR A 337 14.81 10.17 10.99
CA THR A 337 15.89 10.19 10.01
C THR A 337 15.67 11.31 8.99
N ALA A 338 16.77 11.80 8.41
CA ALA A 338 16.77 13.05 7.65
C ALA A 338 15.97 12.92 6.36
N LEU A 339 15.81 14.06 5.68
CA LEU A 339 15.01 14.08 4.46
C LEU A 339 15.58 13.17 3.39
N ASP A 340 16.90 13.18 3.21
CA ASP A 340 17.50 12.45 2.10
C ASP A 340 17.75 10.98 2.42
N ASN A 341 17.20 10.45 3.50
CA ASN A 341 17.23 9.02 3.74
C ASN A 341 15.95 8.35 3.33
N VAL A 342 14.96 9.12 2.89
CA VAL A 342 13.65 8.63 2.51
C VAL A 342 13.36 9.09 1.08
N MET A 343 12.33 8.51 0.48
CA MET A 343 11.87 8.89 -0.84
C MET A 343 10.39 9.20 -0.78
N ILE A 344 10.03 10.44 -1.13
CA ILE A 344 8.64 10.92 -1.12
C ILE A 344 8.06 10.83 -2.52
N THR A 345 6.92 10.16 -2.64
CA THR A 345 6.23 10.01 -3.90
C THR A 345 5.51 11.29 -4.25
N ASP A 346 5.27 11.49 -5.56
CA ASP A 346 4.63 12.69 -6.10
C ASP A 346 3.45 12.25 -6.97
N GLU A 347 2.25 12.26 -6.40
CA GLU A 347 1.05 11.97 -7.16
C GLU A 347 0.53 13.18 -7.93
N GLU A 348 1.43 13.98 -8.53
CA GLU A 348 1.00 15.25 -9.13
C GLU A 348 0.22 15.06 -10.43
N GLU A 349 0.36 13.92 -11.12
CA GLU A 349 -0.24 13.74 -12.43
C GLU A 349 -1.75 13.58 -12.39
N ILE A 350 -2.34 13.46 -11.19
CA ILE A 350 -3.80 13.40 -11.05
C ILE A 350 -4.41 14.77 -10.80
N LYS A 351 -3.62 15.85 -10.83
CA LYS A 351 -4.18 17.18 -10.62
C LYS A 351 -5.17 17.50 -11.72
N ALA A 352 -5.18 16.67 -12.76
CA ALA A 352 -6.12 16.81 -13.86
C ALA A 352 -7.56 16.55 -13.40
N THR A 353 -7.77 15.56 -12.54
CA THR A 353 -9.11 15.24 -12.07
C THR A 353 -9.31 15.51 -10.59
N ASN A 354 -8.26 15.59 -9.81
CA ASN A 354 -8.49 15.55 -8.39
C ASN A 354 -8.00 16.84 -7.75
N PRO A 355 -8.61 17.27 -6.65
CA PRO A 355 -8.09 18.45 -5.93
C PRO A 355 -6.63 18.27 -5.53
N VAL A 356 -5.92 19.39 -5.44
CA VAL A 356 -4.62 19.38 -4.77
C VAL A 356 -4.83 19.21 -3.27
N ALA A 357 -4.10 18.28 -2.65
CA ALA A 357 -4.35 17.93 -1.25
C ALA A 357 -4.17 19.10 -0.29
N THR A 358 -3.28 20.04 -0.64
CA THR A 358 -2.91 21.12 0.25
C THR A 358 -3.84 22.31 0.17
N GLU A 359 -4.80 22.29 -0.76
CA GLU A 359 -5.62 23.45 -1.08
C GLU A 359 -7.09 23.17 -0.77
N ARG A 360 -7.87 24.25 -0.82
CA ARG A 360 -9.31 24.16 -0.66
C ARG A 360 -9.89 23.30 -1.77
N PHE A 361 -11.13 22.88 -1.57
CA PHE A 361 -11.90 22.29 -2.66
C PHE A 361 -12.49 23.38 -3.53
N GLY A 362 -13.31 24.23 -2.93
CA GLY A 362 -13.89 25.35 -3.64
C GLY A 362 -14.45 26.40 -2.70
N THR A 363 -15.38 27.18 -3.20
CA THR A 363 -15.99 28.25 -2.43
C THR A 363 -17.49 28.06 -2.42
N VAL A 364 -18.16 28.45 -1.33
CA VAL A 364 -19.58 28.23 -1.17
C VAL A 364 -20.25 29.47 -0.62
N ALA A 365 -21.41 29.81 -1.18
CA ALA A 365 -22.27 30.83 -0.60
C ALA A 365 -22.65 30.46 0.83
N VAL A 366 -22.67 31.45 1.71
CA VAL A 366 -22.94 31.19 3.13
C VAL A 366 -23.90 32.23 3.73
N ASN A 367 -24.67 32.90 2.88
CA ASN A 367 -25.64 33.91 3.32
C ASN A 367 -26.52 34.26 2.12
N PHE A 368 -27.42 35.23 2.32
CA PHE A 368 -28.32 35.73 1.27
C PHE A 368 -27.96 37.17 0.95
N GLN A 369 -27.24 37.40 -0.16
CA GLN A 369 -26.92 38.77 -0.54
C GLN A 369 -28.19 39.57 -0.76
N SER A 370 -28.18 40.82 -0.31
CA SER A 370 -29.21 41.80 -0.65
C SER A 370 -28.52 43.14 -0.79
N SER A 371 -29.28 44.16 -1.21
CA SER A 371 -28.69 45.50 -1.26
C SER A 371 -28.07 45.90 0.07
N SER A 372 -28.52 45.30 1.17
CA SER A 372 -28.04 45.56 2.53
C SER A 372 -26.96 44.58 3.00
N THR A 373 -27.17 43.28 2.79
CA THR A 373 -26.26 42.24 3.28
C THR A 373 -25.29 41.86 2.17
N ASP A 374 -24.01 42.18 2.37
CA ASP A 374 -23.00 41.88 1.36
C ASP A 374 -22.87 40.38 1.18
N PRO A 375 -22.77 39.90 -0.07
CA PRO A 375 -22.62 38.46 -0.31
C PRO A 375 -21.39 37.92 0.40
N ALA A 376 -21.39 36.61 0.66
CA ALA A 376 -20.32 35.98 1.42
C ALA A 376 -20.06 34.57 0.93
N THR A 377 -18.78 34.23 0.82
CA THR A 377 -18.39 32.86 0.52
C THR A 377 -17.39 32.39 1.56
N GLY A 378 -17.36 31.07 1.74
CA GLY A 378 -16.38 30.44 2.60
C GLY A 378 -15.71 29.32 1.84
N ASP A 379 -14.59 28.85 2.39
CA ASP A 379 -13.82 27.81 1.75
C ASP A 379 -14.23 26.43 2.22
N VAL A 380 -14.05 25.45 1.34
CA VAL A 380 -14.36 24.06 1.62
C VAL A 380 -13.03 23.34 1.79
N HIS A 381 -12.85 22.69 2.96
CA HIS A 381 -11.67 21.90 3.24
C HIS A 381 -11.98 20.41 3.36
N ALA A 382 -13.25 20.03 3.50
CA ALA A 382 -13.67 18.64 3.42
C ALA A 382 -14.87 18.58 2.49
N MET A 383 -14.75 17.83 1.41
CA MET A 383 -15.84 17.72 0.44
C MET A 383 -16.15 16.26 0.19
N GLY A 384 -17.31 15.80 0.65
CA GLY A 384 -17.75 14.45 0.45
C GLY A 384 -18.31 14.24 -0.94
N ALA A 385 -18.70 12.99 -1.19
CA ALA A 385 -19.14 12.58 -2.52
C ALA A 385 -20.31 13.43 -2.98
N LEU A 386 -20.13 14.07 -4.11
CA LEU A 386 -21.18 14.77 -4.78
C LEU A 386 -21.47 14.07 -6.11
N PRO A 387 -22.74 13.95 -6.52
CA PRO A 387 -23.03 13.58 -7.90
C PRO A 387 -22.26 14.42 -8.90
N GLY A 388 -21.83 13.78 -9.97
CA GLY A 388 -21.01 14.40 -10.98
C GLY A 388 -19.52 14.18 -10.83
N MET A 389 -19.06 13.83 -9.63
CA MET A 389 -17.63 13.78 -9.38
C MET A 389 -16.96 12.65 -10.17
N VAL A 390 -15.77 12.94 -10.70
CA VAL A 390 -14.90 11.94 -11.32
C VAL A 390 -13.54 12.02 -10.63
N TRP A 391 -12.86 10.87 -10.47
CA TRP A 391 -11.59 10.90 -9.77
C TRP A 391 -10.70 9.73 -10.16
N GLN A 392 -9.40 9.96 -9.94
CA GLN A 392 -8.37 8.97 -10.19
C GLN A 392 -7.83 8.50 -8.85
N ASP A 393 -7.82 7.18 -8.65
CA ASP A 393 -7.36 6.62 -7.38
C ASP A 393 -5.86 6.77 -7.26
N ARG A 394 -5.36 6.66 -6.03
CA ARG A 394 -3.94 6.83 -5.78
C ARG A 394 -3.16 5.72 -6.48
N ASP A 395 -2.05 6.10 -7.13
CA ASP A 395 -1.25 5.23 -7.99
C ASP A 395 -0.46 4.22 -7.17
N VAL A 396 0.02 3.15 -7.85
CA VAL A 396 0.82 2.10 -7.21
C VAL A 396 2.30 2.27 -7.56
N TYR A 397 3.17 1.69 -6.73
CA TYR A 397 4.62 1.84 -6.84
C TYR A 397 5.27 0.49 -6.72
N LEU A 398 6.28 0.25 -7.57
CA LEU A 398 7.10 -0.95 -7.51
C LEU A 398 7.26 -1.43 -6.07
N GLN A 399 7.55 -0.50 -5.13
CA GLN A 399 7.77 -0.82 -3.71
C GLN A 399 6.47 -0.93 -2.91
N GLY A 400 5.34 -0.48 -3.49
CA GLY A 400 4.12 -0.33 -2.75
C GLY A 400 3.32 -1.60 -2.66
N PRO A 401 2.21 -1.52 -1.89
CA PRO A 401 1.38 -2.71 -1.71
C PRO A 401 0.62 -3.05 -2.98
N ILE A 402 0.24 -4.33 -3.09
CA ILE A 402 -0.52 -4.77 -4.26
C ILE A 402 -2.01 -4.76 -3.99
N TRP A 403 -2.44 -5.35 -2.87
CA TRP A 403 -3.85 -5.46 -2.60
C TRP A 403 -4.12 -5.24 -1.12
N ALA A 404 -5.40 -5.28 -0.78
CA ALA A 404 -5.89 -5.25 0.58
C ALA A 404 -7.26 -5.92 0.64
N LYS A 405 -7.55 -6.50 1.81
CA LYS A 405 -8.87 -7.04 2.09
C LYS A 405 -9.82 -5.89 2.39
N ILE A 406 -10.91 -5.82 1.65
CA ILE A 406 -11.95 -4.83 1.95
C ILE A 406 -12.59 -5.23 3.28
N PRO A 407 -12.61 -4.35 4.28
CA PRO A 407 -13.25 -4.70 5.56
C PRO A 407 -14.64 -5.28 5.36
N HIS A 408 -15.01 -6.20 6.24
CA HIS A 408 -16.30 -6.87 6.12
C HIS A 408 -17.35 -6.02 6.83
N THR A 409 -17.93 -5.08 6.09
CA THR A 409 -18.85 -4.12 6.67
C THR A 409 -20.15 -4.08 5.88
N ASP A 410 -21.21 -3.70 6.59
CA ASP A 410 -22.48 -3.40 5.93
C ASP A 410 -22.31 -2.42 4.78
N GLY A 411 -21.30 -1.55 4.84
CA GLY A 411 -21.18 -0.48 3.87
C GLY A 411 -19.78 0.01 3.58
N HIS A 412 -19.53 0.29 2.30
CA HIS A 412 -18.26 0.86 1.88
C HIS A 412 -18.46 1.72 0.63
N PHE A 413 -17.81 2.87 0.64
CA PHE A 413 -17.83 3.76 -0.50
C PHE A 413 -16.48 3.66 -1.21
N HIS A 414 -16.53 3.26 -2.50
CA HIS A 414 -15.41 3.13 -3.43
C HIS A 414 -14.19 2.53 -2.75
N PRO A 415 -14.23 1.28 -2.38
CA PRO A 415 -13.24 0.69 -1.49
C PRO A 415 -11.91 0.29 -2.14
N SER A 416 -11.31 1.21 -2.86
CA SER A 416 -9.91 1.05 -3.22
C SER A 416 -9.09 1.23 -1.95
N PRO A 417 -8.11 0.37 -1.67
CA PRO A 417 -7.30 0.52 -0.46
C PRO A 417 -6.51 1.82 -0.53
N LEU A 418 -6.61 2.63 0.53
CA LEU A 418 -6.10 4.00 0.46
C LEU A 418 -4.62 4.08 0.09
N MET A 419 -3.82 3.08 0.43
CA MET A 419 -2.40 3.16 0.11
C MET A 419 -2.09 2.80 -1.32
N GLY A 420 -3.11 2.53 -2.13
CA GLY A 420 -2.98 2.09 -3.50
C GLY A 420 -3.22 0.61 -3.65
N GLY A 421 -3.74 0.21 -4.79
CA GLY A 421 -3.90 -1.22 -5.06
C GLY A 421 -5.32 -1.68 -5.29
N PHE A 422 -5.52 -2.99 -5.10
CA PHE A 422 -6.80 -3.68 -5.34
C PHE A 422 -7.47 -4.02 -4.01
N GLY A 423 -8.70 -3.52 -3.83
CA GLY A 423 -9.49 -3.87 -2.67
C GLY A 423 -10.29 -5.13 -2.95
N LEU A 424 -10.09 -6.17 -2.15
CA LEU A 424 -10.60 -7.49 -2.46
C LEU A 424 -11.55 -7.98 -1.37
N LYS A 425 -12.75 -8.40 -1.78
CA LYS A 425 -13.66 -9.08 -0.88
C LYS A 425 -12.97 -10.30 -0.27
N ASN A 426 -12.36 -11.12 -1.13
CA ASN A 426 -11.65 -12.34 -0.72
C ASN A 426 -10.25 -12.28 -1.31
N PRO A 427 -9.32 -11.64 -0.63
CA PRO A 427 -7.94 -11.51 -1.15
C PRO A 427 -7.25 -12.86 -1.21
N PRO A 428 -5.97 -12.90 -1.61
CA PRO A 428 -5.16 -14.07 -1.32
C PRO A 428 -5.08 -14.27 0.18
N PRO A 429 -5.23 -15.50 0.65
CA PRO A 429 -5.30 -15.75 2.09
C PRO A 429 -3.93 -15.74 2.71
N GLN A 430 -3.92 -15.58 4.03
CA GLN A 430 -2.67 -15.66 4.78
C GLN A 430 -2.15 -17.09 4.77
N ILE A 431 -0.83 -17.23 4.76
CA ILE A 431 -0.18 -18.52 4.87
C ILE A 431 0.56 -18.47 6.19
N LEU A 432 0.11 -19.27 7.14
CA LEU A 432 0.73 -19.34 8.47
C LEU A 432 1.67 -20.52 8.53
N ILE A 433 2.91 -20.28 8.99
CA ILE A 433 3.91 -21.31 9.12
C ILE A 433 4.46 -21.28 10.54
N LYS A 434 4.71 -22.46 11.10
CA LYS A 434 5.24 -22.60 12.46
C LYS A 434 6.10 -23.83 12.47
N ASN A 435 7.16 -23.79 13.29
CA ASN A 435 7.95 -24.99 13.59
C ASN A 435 7.26 -25.77 14.70
N THR A 436 7.11 -27.07 14.48
CA THR A 436 6.54 -27.94 15.52
C THR A 436 7.48 -27.95 16.71
N PRO A 437 6.98 -27.81 17.92
CA PRO A 437 7.85 -27.87 19.09
C PRO A 437 8.40 -29.26 19.26
N VAL A 438 9.66 -29.34 19.67
CA VAL A 438 10.34 -30.59 19.91
C VAL A 438 10.73 -30.63 21.38
N PRO A 439 9.96 -31.34 22.22
CA PRO A 439 10.34 -31.43 23.62
C PRO A 439 11.70 -32.07 23.79
N ALA A 440 12.50 -31.51 24.72
CA ALA A 440 13.71 -32.15 25.20
C ALA A 440 13.35 -33.27 26.19
N ASN A 441 14.30 -33.79 26.96
CA ASN A 441 14.00 -35.01 27.73
C ASN A 441 13.15 -34.70 28.96
N PRO A 442 11.96 -35.27 29.08
CA PRO A 442 11.18 -35.08 30.28
C PRO A 442 11.85 -35.70 31.49
N PRO A 443 11.37 -35.38 32.68
CA PRO A 443 11.82 -36.11 33.88
C PRO A 443 11.39 -37.56 33.80
N ALA A 444 11.95 -38.35 34.71
CA ALA A 444 11.59 -39.76 34.79
C ALA A 444 10.40 -40.01 35.69
N GLU A 445 9.99 -39.05 36.49
CA GLU A 445 8.71 -39.12 37.18
C GLU A 445 7.73 -38.21 36.44
N PHE A 446 6.46 -38.59 36.46
CA PHE A 446 5.44 -37.82 35.75
C PHE A 446 5.25 -36.41 36.34
N SER A 447 5.01 -35.44 35.47
CA SER A 447 4.65 -34.08 35.92
C SER A 447 3.67 -33.45 34.93
N ALA A 448 2.43 -33.23 35.38
CA ALA A 448 1.39 -32.64 34.53
C ALA A 448 1.58 -31.14 34.30
N THR A 449 2.62 -30.52 34.85
CA THR A 449 2.87 -29.11 34.61
C THR A 449 3.40 -28.91 33.19
N LYS A 450 2.94 -27.82 32.55
CA LYS A 450 3.25 -27.53 31.16
C LYS A 450 4.74 -27.67 30.86
N PHE A 451 5.03 -28.23 29.69
CA PHE A 451 6.39 -28.53 29.27
C PHE A 451 7.06 -27.25 28.79
N ALA A 452 8.21 -26.92 29.40
CA ALA A 452 8.92 -25.66 29.16
C ALA A 452 10.33 -25.87 28.61
N SER A 453 10.69 -27.08 28.19
CA SER A 453 12.08 -27.43 27.89
C SER A 453 12.14 -28.08 26.51
N PHE A 454 12.66 -27.36 25.52
CA PHE A 454 12.61 -27.79 24.12
C PHE A 454 13.96 -27.62 23.45
N ILE A 455 14.27 -28.54 22.52
CA ILE A 455 15.42 -28.36 21.64
C ILE A 455 15.25 -27.05 20.89
N THR A 456 16.24 -26.17 21.01
CA THR A 456 16.24 -24.95 20.22
C THR A 456 16.46 -25.29 18.74
N GLN A 457 15.56 -24.80 17.90
CA GLN A 457 15.59 -25.19 16.49
C GLN A 457 14.93 -24.13 15.62
N TYR A 458 15.42 -24.04 14.39
CA TYR A 458 14.96 -23.10 13.39
C TYR A 458 14.92 -23.86 12.07
N SER A 459 14.18 -23.33 11.09
CA SER A 459 14.00 -24.00 9.82
C SER A 459 14.28 -23.05 8.66
N THR A 460 14.67 -23.63 7.54
CA THR A 460 14.86 -22.85 6.34
C THR A 460 14.32 -23.61 5.15
N GLY A 461 13.83 -22.89 4.17
CA GLY A 461 13.33 -23.50 2.96
C GLY A 461 13.15 -22.45 1.91
N GLN A 462 12.78 -22.90 0.70
CA GLN A 462 12.43 -21.99 -0.38
C GLN A 462 10.93 -21.80 -0.41
N VAL A 463 10.51 -20.74 -1.11
CA VAL A 463 9.09 -20.42 -1.32
C VAL A 463 8.91 -19.91 -2.74
N SER A 464 7.86 -20.39 -3.42
CA SER A 464 7.59 -20.07 -4.83
C SER A 464 6.21 -19.46 -4.98
N VAL A 465 6.13 -18.36 -5.74
CA VAL A 465 4.89 -17.63 -6.01
C VAL A 465 4.83 -17.28 -7.50
N GLU A 466 3.82 -17.82 -8.19
CA GLU A 466 3.55 -17.55 -9.59
C GLU A 466 2.25 -16.76 -9.66
N ILE A 467 2.29 -15.63 -10.33
CA ILE A 467 1.13 -14.77 -10.49
C ILE A 467 0.95 -14.47 -11.98
N GLU A 468 -0.25 -14.71 -12.49
CA GLU A 468 -0.63 -14.30 -13.84
C GLU A 468 -1.36 -12.97 -13.70
N TRP A 469 -0.85 -11.94 -14.40
CA TRP A 469 -1.47 -10.63 -14.48
C TRP A 469 -2.04 -10.44 -15.87
N GLU A 470 -3.20 -9.78 -15.96
CA GLU A 470 -3.71 -9.33 -17.25
C GLU A 470 -3.17 -7.94 -17.54
N LEU A 471 -3.01 -7.62 -18.82
CA LEU A 471 -2.60 -6.28 -19.25
C LEU A 471 -3.72 -5.66 -20.06
N GLN A 472 -3.87 -4.35 -19.93
CA GLN A 472 -4.74 -3.56 -20.78
C GLN A 472 -3.84 -2.83 -21.76
N LYS A 473 -3.97 -3.17 -23.06
CA LYS A 473 -3.09 -2.59 -24.07
C LYS A 473 -3.42 -1.12 -24.30
N GLU A 474 -2.41 -0.37 -24.73
CA GLU A 474 -2.54 1.04 -25.06
C GLU A 474 -2.95 1.17 -26.52
N ASN A 475 -4.02 1.89 -26.77
CA ASN A 475 -4.55 2.06 -28.12
C ASN A 475 -4.48 3.51 -28.58
N SER A 476 -3.51 4.27 -28.06
CA SER A 476 -3.61 5.72 -28.15
C SER A 476 -3.36 6.25 -29.56
N LYS A 477 -4.21 7.17 -29.98
CA LYS A 477 -4.03 7.82 -31.26
C LYS A 477 -3.25 9.12 -31.15
N ARG A 478 -2.45 9.25 -30.08
CA ARG A 478 -1.58 10.41 -29.91
C ARG A 478 -0.47 10.42 -30.96
N TRP A 479 -0.26 11.57 -31.58
CA TRP A 479 0.77 11.70 -32.62
C TRP A 479 2.15 11.83 -31.99
N ASN A 480 2.31 12.79 -31.09
CA ASN A 480 3.59 13.07 -30.46
C ASN A 480 3.98 11.95 -29.49
N PRO A 481 5.26 11.82 -29.20
CA PRO A 481 5.71 10.78 -28.27
C PRO A 481 5.25 11.04 -26.84
N GLU A 482 4.90 9.94 -26.16
CA GLU A 482 4.50 9.97 -24.75
C GLU A 482 5.72 10.04 -23.82
N VAL A 483 5.46 10.45 -22.59
CA VAL A 483 6.52 10.38 -21.59
C VAL A 483 6.73 8.92 -21.22
N GLN A 484 7.98 8.52 -21.04
CA GLN A 484 8.33 7.15 -20.73
C GLN A 484 9.35 7.15 -19.60
N TYR A 485 9.34 6.07 -18.80
CA TYR A 485 10.33 5.93 -17.75
C TYR A 485 11.64 5.42 -18.32
N THR A 486 12.76 5.94 -17.83
CA THR A 486 14.05 5.66 -18.42
C THR A 486 15.18 5.85 -17.42
N SER A 487 16.10 4.90 -17.40
CA SER A 487 17.37 5.08 -16.72
C SER A 487 18.16 6.19 -17.40
N ASN A 488 19.05 6.81 -16.64
CA ASN A 488 19.74 7.97 -17.13
C ASN A 488 20.90 7.56 -18.02
N TYR A 489 20.84 7.96 -19.29
CA TYR A 489 21.88 7.58 -20.26
C TYR A 489 23.27 7.98 -19.80
N ALA A 490 23.39 9.05 -19.01
CA ALA A 490 24.67 9.65 -18.69
C ALA A 490 25.45 8.76 -17.72
N LYS A 491 26.69 9.15 -17.47
CA LYS A 491 27.53 8.32 -16.62
C LYS A 491 27.25 8.58 -15.14
N SER A 492 27.59 7.58 -14.32
CA SER A 492 27.50 7.63 -12.86
C SER A 492 28.22 6.42 -12.28
N ALA A 493 28.52 6.49 -10.98
CA ALA A 493 29.27 5.43 -10.31
C ALA A 493 28.46 4.17 -10.04
N ASN A 494 27.12 4.24 -10.16
CA ASN A 494 26.26 3.12 -9.77
C ASN A 494 25.12 2.96 -10.75
N VAL A 495 24.99 1.76 -11.30
CA VAL A 495 23.78 1.42 -12.03
C VAL A 495 22.60 1.52 -11.07
N ASP A 496 21.45 1.93 -11.62
CA ASP A 496 20.22 1.97 -10.84
C ASP A 496 19.67 0.57 -10.61
N PHE A 497 19.21 0.33 -9.38
CA PHE A 497 18.58 -0.91 -8.95
C PHE A 497 19.57 -2.08 -9.03
N THR A 498 20.58 -2.01 -8.18
CA THR A 498 21.68 -2.96 -8.24
C THR A 498 22.26 -3.17 -6.86
N VAL A 499 23.14 -4.16 -6.76
CA VAL A 499 24.04 -4.29 -5.63
C VAL A 499 25.14 -3.26 -5.74
N ASP A 500 25.66 -2.83 -4.60
CA ASP A 500 26.91 -2.08 -4.59
C ASP A 500 28.09 -3.01 -4.30
N ASN A 501 29.25 -2.42 -4.04
CA ASN A 501 30.47 -3.20 -3.82
C ASN A 501 30.43 -4.04 -2.55
N ASN A 502 29.57 -3.71 -1.58
CA ASN A 502 29.41 -4.59 -0.43
C ASN A 502 28.39 -5.66 -0.67
N GLY A 503 27.61 -5.56 -1.74
CA GLY A 503 26.62 -6.54 -2.05
C GLY A 503 25.21 -6.21 -1.68
N LEU A 504 24.89 -4.94 -1.47
CA LEU A 504 23.60 -4.48 -1.00
C LEU A 504 22.82 -3.97 -2.19
N TYR A 505 21.67 -4.58 -2.46
CA TYR A 505 20.77 -4.04 -3.47
C TYR A 505 20.10 -2.80 -2.90
N THR A 506 19.88 -1.80 -3.75
CA THR A 506 19.23 -0.58 -3.30
C THR A 506 18.27 -0.11 -4.38
N GLU A 507 17.04 0.24 -3.98
CA GLU A 507 16.06 0.81 -4.90
C GLU A 507 16.13 2.32 -4.84
N PRO A 508 16.58 3.00 -5.89
CA PRO A 508 16.99 4.42 -5.72
C PRO A 508 15.84 5.41 -5.70
N ARG A 509 14.75 5.18 -6.41
CA ARG A 509 13.60 6.06 -6.38
C ARG A 509 12.33 5.22 -6.39
N PRO A 510 11.20 5.78 -5.96
CA PRO A 510 9.93 5.08 -6.14
C PRO A 510 9.49 5.21 -7.60
N ILE A 511 9.03 4.09 -8.17
CA ILE A 511 8.51 4.08 -9.54
C ILE A 511 7.02 3.75 -9.50
N GLY A 512 6.22 4.72 -9.95
CA GLY A 512 4.79 4.55 -10.15
C GLY A 512 4.48 4.09 -11.56
N THR A 513 3.21 4.19 -11.93
CA THR A 513 2.76 3.55 -13.15
C THR A 513 2.23 4.48 -14.22
N ARG A 514 1.97 5.76 -13.91
CA ARG A 514 1.24 6.66 -14.81
C ARG A 514 2.22 7.36 -15.73
N TYR A 515 2.46 6.79 -16.90
CA TYR A 515 3.34 7.41 -17.89
C TYR A 515 2.67 7.61 -19.24
N LEU A 516 2.09 6.56 -19.81
CA LEU A 516 1.20 6.74 -20.96
C LEU A 516 0.04 7.65 -20.59
N THR A 517 -0.60 8.19 -21.62
CA THR A 517 -1.70 9.11 -21.42
C THR A 517 -2.87 8.70 -22.30
N ARG A 518 -4.06 9.08 -21.85
CA ARG A 518 -5.29 8.94 -22.64
C ARG A 518 -6.18 10.14 -22.38
N PRO A 519 -7.14 10.42 -23.27
CA PRO A 519 -8.07 11.55 -23.05
C PRO A 519 -9.05 11.27 -21.94
N LEU A 520 -9.53 12.35 -21.32
CA LEU A 520 -10.38 12.30 -20.12
C LEU A 520 -11.87 12.02 -20.41
#